data_4WTG
#
_entry.id   4WTG
#
_cell.length_a   140.440
_cell.length_b   140.440
_cell.length_c   91.620
_cell.angle_alpha   90.000
_cell.angle_beta   90.000
_cell.angle_gamma   120.000
#
_symmetry.space_group_name_H-M   'P 65'
#
loop_
_entity.id
_entity.type
_entity.pdbx_description
1 polymer 'RNA PRIMER TEMPLATE CAAAAUUU'
2 polymer 'RNA-directed RNA polymerase'
3 non-polymer 'MANGANESE (II) ION'
4 non-polymer "2'-deoxy-2'-fluoro-2'-methyluridine 5'-(trihydrogen diphosphate)"
5 non-polymer 'CHLORIDE ION'
6 water water
#
loop_
_entity_poly.entity_id
_entity_poly.type
_entity_poly.pdbx_seq_one_letter_code
_entity_poly.pdbx_strand_id
1 'polyribonucleotide' CAAAAUUU T,P
2 'polypeptide(L)'
;MSSMSYSWTGALITPCGPEEEKLPINPLSNSLLRYHNKVYCTTSKSASQRAKKVTFDRTQVLDAHYDSVLKDIKLAASKV
SARLLTLQQACQLTPPHSARSKYGFGAKEVRSLSGRAVNHIKSVWKDLLEDPQTPIPTTIMAKNEVFCVDPAKGGKKPAR
LIVYPDLGVRVCEKMALYDITQKLPQAVMGASYGFQYSPAQRVEYLLKAWAEKKDPMGFSYDTRHFDSTVTERDIRTEES
IYQACSLPEEARTAIHSLTERLYVGGPMFNSKGQTCGYRRCRASGVLTTSMGNTITCYVKALAACKAAGIVAPTMLVCGD
DLIVISESQGTEEDERNLRAFTEAMTRYSAPPGDPPRPEYDLELITSCSSNVSVALGPRGRRRYYLTRDPTTPLARAAWE
TVRHSPINSWLGNIIQYAPTIWVRMVLMTHFFSILMVQDTLDQNLGGVNPLDLPAIIERLHGLDAFSMHTYSHHELTRVA
SALRKLGAPPLRVWKSRARAVRASLISRGGKAAVCGRYLFNWAVKTKLKLTPLPEARLLDLSSWFTVGAGGGDIFHSVSR
ARPRLEHHHHHH
;
A
#
# COMPACT_ATOMS: atom_id res chain seq x y z
N SER C 2 21.12 -7.87 20.48
CA SER C 2 20.23 -8.42 21.55
C SER C 2 19.17 -9.39 20.95
N SER C 3 18.02 -8.86 20.51
CA SER C 3 16.91 -9.68 20.08
C SER C 3 17.09 -10.12 18.64
N MET C 4 16.89 -11.40 18.42
CA MET C 4 16.81 -11.98 17.10
C MET C 4 15.36 -11.78 16.63
N SER C 5 15.14 -11.45 15.35
CA SER C 5 13.77 -11.19 14.85
C SER C 5 12.89 -12.43 14.74
N TYR C 6 13.51 -13.58 14.49
CA TYR C 6 12.79 -14.85 14.38
C TYR C 6 13.70 -16.01 14.79
N SER C 7 13.10 -17.18 14.98
CA SER C 7 13.80 -18.44 15.22
C SER C 7 12.97 -19.45 14.53
N TRP C 8 13.57 -20.52 14.03
CA TRP C 8 12.85 -21.44 13.15
C TRP C 8 13.02 -22.88 13.55
N THR C 9 11.92 -23.58 13.70
CA THR C 9 11.99 -25.01 14.01
C THR C 9 12.60 -25.82 12.89
N GLY C 10 12.39 -25.37 11.66
CA GLY C 10 12.79 -26.13 10.49
C GLY C 10 11.57 -26.64 9.75
N ALA C 11 10.39 -26.51 10.36
CA ALA C 11 9.14 -26.87 9.70
C ALA C 11 8.91 -26.03 8.44
N LEU C 12 8.36 -26.64 7.40
CA LEU C 12 8.02 -25.87 6.22
C LEU C 12 6.95 -24.81 6.49
N ILE C 13 6.90 -23.82 5.60
CA ILE C 13 5.83 -22.82 5.58
C ILE C 13 4.84 -23.28 4.54
N THR C 14 3.88 -24.06 5.00
CA THR C 14 2.94 -24.74 4.14
C THR C 14 1.97 -23.79 3.48
N PRO C 15 1.50 -24.14 2.27
CA PRO C 15 0.46 -23.41 1.53
C PRO C 15 -0.92 -23.56 2.18
N CYS C 16 -1.71 -22.48 2.15
CA CYS C 16 -3.01 -22.45 2.84
C CYS C 16 -4.11 -22.67 1.82
N GLY C 17 -4.01 -23.79 1.10
CA GLY C 17 -4.74 -24.03 -0.17
C GLY C 17 -3.78 -23.99 -1.36
N PRO C 18 -4.17 -24.59 -2.51
CA PRO C 18 -3.25 -24.71 -3.65
C PRO C 18 -3.19 -23.43 -4.47
N GLU C 19 -1.99 -23.08 -4.92
CA GLU C 19 -1.68 -21.79 -5.57
C GLU C 19 -1.55 -21.98 -7.07
N GLU C 20 -2.49 -21.43 -7.84
CA GLU C 20 -2.69 -21.86 -9.22
C GLU C 20 -1.60 -21.45 -10.18
N GLU C 21 -1.54 -22.19 -11.29
CA GLU C 21 -0.63 -21.92 -12.39
C GLU C 21 -1.36 -21.10 -13.45
N LYS C 22 -0.59 -20.37 -14.26
CA LYS C 22 -1.15 -19.79 -15.48
C LYS C 22 -1.48 -20.96 -16.39
N LEU C 23 -2.15 -20.66 -17.50
CA LEU C 23 -2.49 -21.66 -18.51
C LEU C 23 -1.72 -21.38 -19.82
N PRO C 24 -1.77 -22.33 -20.77
CA PRO C 24 -1.14 -22.14 -22.06
C PRO C 24 -1.74 -21.03 -22.92
N ILE C 25 -3.00 -20.69 -22.69
CA ILE C 25 -3.62 -19.55 -23.33
C ILE C 25 -4.22 -18.62 -22.30
N ASN C 26 -3.81 -17.35 -22.37
CA ASN C 26 -4.37 -16.24 -21.61
C ASN C 26 -5.18 -15.36 -22.57
N PRO C 27 -6.47 -15.69 -22.78
CA PRO C 27 -7.27 -15.10 -23.86
C PRO C 27 -7.62 -13.61 -23.67
N LEU C 28 -7.81 -13.22 -22.42
CA LEU C 28 -8.06 -11.81 -22.07
C LEU C 28 -6.84 -10.90 -22.21
N SER C 29 -5.64 -11.44 -21.97
CA SER C 29 -4.41 -10.64 -21.99
C SER C 29 -3.37 -10.98 -23.06
N ASN C 30 -3.59 -11.99 -23.89
CA ASN C 30 -2.62 -12.29 -24.94
C ASN C 30 -2.57 -11.27 -26.10
N SER C 31 -3.49 -10.32 -26.13
CA SER C 31 -3.40 -9.18 -27.05
C SER C 31 -2.90 -7.95 -26.34
N LEU C 32 -2.72 -8.05 -25.02
CA LEU C 32 -2.15 -6.96 -24.23
C LEU C 32 -0.64 -7.00 -24.27
N LEU C 33 -0.09 -8.20 -24.11
CA LEU C 33 1.35 -8.38 -24.12
C LEU C 33 1.73 -9.84 -24.45
N ARG C 34 2.99 -10.06 -24.87
CA ARG C 34 3.41 -11.38 -25.34
C ARG C 34 4.19 -12.19 -24.31
N TYR C 35 4.92 -11.53 -23.42
CA TYR C 35 5.89 -12.24 -22.56
C TYR C 35 5.32 -12.73 -21.24
N HIS C 36 4.43 -13.69 -21.33
CA HIS C 36 3.72 -14.19 -20.17
C HIS C 36 4.59 -15.02 -19.26
N ASN C 37 5.71 -15.45 -19.81
CA ASN C 37 6.68 -16.20 -19.05
C ASN C 37 7.31 -15.32 -17.96
N LYS C 38 7.28 -14.00 -18.15
CA LYS C 38 7.80 -13.10 -17.13
C LYS C 38 6.83 -12.83 -15.99
N VAL C 39 5.56 -13.14 -16.19
CA VAL C 39 4.56 -12.84 -15.19
C VAL C 39 4.42 -14.04 -14.28
N TYR C 40 4.71 -13.84 -13.00
CA TYR C 40 4.68 -14.91 -12.00
C TYR C 40 4.03 -14.48 -10.69
N CYS C 41 3.64 -15.48 -9.90
CA CYS C 41 3.05 -15.25 -8.59
C CYS C 41 3.96 -15.89 -7.54
N THR C 42 4.35 -15.09 -6.56
CA THR C 42 5.15 -15.57 -5.44
C THR C 42 4.47 -16.74 -4.71
N THR C 43 5.14 -17.88 -4.68
CA THR C 43 4.62 -19.09 -4.05
C THR C 43 5.18 -19.28 -2.64
N SER C 44 4.62 -20.25 -1.95
CA SER C 44 5.11 -20.63 -0.64
C SER C 44 6.39 -21.46 -0.74
N LYS C 45 6.66 -22.10 -1.89
CA LYS C 45 8.01 -22.66 -2.11
C LYS C 45 9.08 -21.60 -1.73
N SER C 46 8.91 -20.36 -2.21
CA SER C 46 9.92 -19.32 -1.95
C SER C 46 9.98 -18.78 -0.50
N ALA C 47 9.11 -19.26 0.36
CA ALA C 47 8.96 -18.63 1.67
C ALA C 47 10.21 -18.81 2.48
N SER C 48 10.76 -20.02 2.41
CA SER C 48 12.03 -20.34 3.03
C SER C 48 13.07 -19.26 2.78
N GLN C 49 13.28 -18.89 1.52
CA GLN C 49 14.24 -17.83 1.21
C GLN C 49 13.90 -16.51 1.91
N ARG C 50 12.62 -16.14 1.92
CA ARG C 50 12.21 -14.87 2.53
C ARG C 50 12.61 -14.80 3.99
N ALA C 51 12.35 -15.89 4.72
CA ALA C 51 12.74 -16.02 6.12
C ALA C 51 14.24 -15.76 6.38
N LYS C 52 15.10 -16.49 5.66
CA LYS C 52 16.54 -16.24 5.68
C LYS C 52 16.81 -14.71 5.60
N LYS C 53 16.15 -14.01 4.67
CA LYS C 53 16.41 -12.58 4.50
C LYS C 53 15.94 -11.77 5.70
N VAL C 54 14.86 -12.16 6.35
CA VAL C 54 14.30 -11.32 7.42
C VAL C 54 14.63 -11.76 8.84
N THR C 55 15.33 -12.88 8.98
CA THR C 55 15.76 -13.36 10.28
C THR C 55 17.14 -12.79 10.64
N PHE C 56 17.23 -11.87 11.59
CA PHE C 56 18.50 -11.22 11.87
C PHE C 56 18.52 -10.51 13.23
N ASP C 57 19.71 -10.23 13.72
CA ASP C 57 19.86 -9.66 15.06
C ASP C 57 19.63 -8.15 15.05
N ARG C 58 19.02 -7.61 16.09
CA ARG C 58 18.70 -6.20 16.12
C ARG C 58 19.43 -5.56 17.25
N THR C 59 19.88 -4.33 17.07
CA THR C 59 20.55 -3.59 18.14
C THR C 59 20.14 -2.15 18.05
N GLN C 60 19.18 -1.79 18.86
CA GLN C 60 18.64 -0.45 18.90
C GLN C 60 19.52 0.37 19.80
N VAL C 61 19.61 1.66 19.54
CA VAL C 61 20.38 2.59 20.38
C VAL C 61 19.75 3.95 20.20
N LEU C 62 19.07 4.41 21.23
CA LEU C 62 18.25 5.60 21.14
C LEU C 62 19.06 6.80 21.54
N ASP C 63 18.45 7.99 21.65
CA ASP C 63 19.19 9.18 22.07
C ASP C 63 18.27 10.36 22.34
N ALA C 64 18.81 11.45 22.84
CA ALA C 64 18.02 12.63 23.15
C ALA C 64 17.00 13.00 22.09
N HIS C 65 17.34 12.83 20.81
CA HIS C 65 16.44 13.28 19.76
C HIS C 65 15.22 12.37 19.66
N TYR C 66 15.47 11.08 19.70
CA TYR C 66 14.41 10.12 19.80
C TYR C 66 13.55 10.44 21.00
N ASP C 67 14.19 10.52 22.17
CA ASP C 67 13.49 10.64 23.46
C ASP C 67 12.60 11.87 23.44
N SER C 68 13.13 12.95 22.87
CA SER C 68 12.41 14.21 22.83
C SER C 68 11.22 14.18 21.90
N VAL C 69 11.38 13.52 20.75
CA VAL C 69 10.30 13.38 19.81
C VAL C 69 9.21 12.55 20.45
N LEU C 70 9.62 11.45 21.07
CA LEU C 70 8.68 10.56 21.71
C LEU C 70 7.84 11.32 22.72
N LYS C 71 8.50 12.15 23.54
CA LYS C 71 7.80 12.94 24.56
C LYS C 71 6.72 13.75 23.87
N ASP C 72 7.07 14.49 22.84
CA ASP C 72 6.09 15.36 22.13
C ASP C 72 4.87 14.61 21.62
N ILE C 73 5.10 13.36 21.23
CA ILE C 73 4.11 12.56 20.59
C ILE C 73 3.02 12.10 21.56
N LYS C 74 3.37 11.95 22.83
CA LYS C 74 2.40 11.63 23.88
C LYS C 74 1.58 12.84 24.32
N LEU C 75 2.23 13.99 24.52
CA LEU C 75 1.48 15.24 24.68
C LEU C 75 0.52 15.48 23.49
N ALA C 76 0.78 14.88 22.34
CA ALA C 76 -0.21 14.86 21.28
C ALA C 76 -1.29 13.84 21.63
N ALA C 77 -0.87 12.62 21.97
CA ALA C 77 -1.76 11.49 22.22
C ALA C 77 -2.93 11.77 23.18
N SER C 78 -2.63 12.51 24.24
CA SER C 78 -3.58 12.76 25.33
C SER C 78 -4.77 13.65 24.97
N LYS C 79 -4.70 14.36 23.85
CA LYS C 79 -5.88 15.10 23.34
C LYS C 79 -6.93 14.18 22.74
N VAL C 80 -6.56 12.92 22.54
CA VAL C 80 -7.45 11.92 21.97
C VAL C 80 -8.17 11.20 23.09
N SER C 81 -9.48 11.20 23.02
CA SER C 81 -10.22 10.24 23.82
C SER C 81 -10.82 9.28 22.83
N ALA C 82 -10.90 8.02 23.24
CA ALA C 82 -11.23 6.95 22.33
C ALA C 82 -11.88 5.83 23.12
N ARG C 83 -12.86 5.17 22.51
CA ARG C 83 -13.73 4.25 23.25
C ARG C 83 -13.58 2.79 22.82
N LEU C 84 -14.12 1.87 23.61
CA LEU C 84 -14.25 0.47 23.19
C LEU C 84 -15.28 0.33 22.09
N LEU C 85 -15.25 -0.82 21.45
CA LEU C 85 -16.16 -1.11 20.37
C LEU C 85 -16.97 -2.32 20.82
N THR C 86 -18.28 -2.23 20.67
CA THR C 86 -19.13 -3.31 21.11
C THR C 86 -18.74 -4.54 20.30
N LEU C 87 -18.55 -5.65 20.99
CA LEU C 87 -18.26 -6.90 20.35
C LEU C 87 -18.95 -6.99 19.01
N GLN C 88 -20.21 -6.57 18.97
CA GLN C 88 -20.99 -6.60 17.73
C GLN C 88 -20.44 -5.69 16.67
N GLN C 89 -20.16 -4.44 17.01
CA GLN C 89 -19.64 -3.51 16.01
C GLN C 89 -18.32 -4.00 15.41
N ALA C 90 -17.45 -4.56 16.23
CA ALA C 90 -16.21 -5.15 15.77
C ALA C 90 -16.45 -6.32 14.81
N CYS C 91 -17.42 -7.16 15.11
CA CYS C 91 -17.79 -8.25 14.20
C CYS C 91 -18.20 -7.73 12.83
N GLN C 92 -18.95 -6.64 12.84
CA GLN C 92 -19.44 -6.00 11.65
C GLN C 92 -18.30 -5.49 10.80
N LEU C 93 -17.28 -4.91 11.43
CA LEU C 93 -16.09 -4.46 10.70
C LEU C 93 -15.23 -5.60 10.10
N THR C 94 -15.48 -6.85 10.45
CA THR C 94 -14.72 -7.95 9.86
C THR C 94 -15.03 -8.08 8.34
N PRO C 95 -14.00 -8.15 7.49
CA PRO C 95 -14.15 -8.35 6.04
C PRO C 95 -14.95 -9.60 5.67
N PRO C 96 -15.69 -9.52 4.56
CA PRO C 96 -16.61 -10.61 4.23
C PRO C 96 -15.96 -11.94 3.97
N HIS C 97 -14.71 -11.95 3.53
CA HIS C 97 -14.04 -13.22 3.17
C HIS C 97 -12.92 -13.54 4.14
N SER C 98 -12.89 -12.86 5.29
CA SER C 98 -11.79 -13.04 6.28
C SER C 98 -11.62 -14.51 6.67
N ALA C 99 -10.38 -14.95 6.79
CA ALA C 99 -10.10 -16.36 6.98
C ALA C 99 -10.78 -16.90 8.21
N ARG C 100 -11.43 -18.05 8.04
CA ARG C 100 -12.27 -18.61 9.08
C ARG C 100 -11.51 -18.99 10.34
N SER C 101 -12.26 -19.12 11.43
CA SER C 101 -11.73 -19.52 12.70
C SER C 101 -11.41 -21.00 12.82
N LYS C 102 -10.37 -21.28 13.59
CA LYS C 102 -9.98 -22.64 13.94
C LYS C 102 -11.16 -23.34 14.67
N TYR C 103 -12.00 -22.57 15.36
CA TYR C 103 -13.08 -23.13 16.16
C TYR C 103 -14.42 -23.23 15.41
N GLY C 104 -14.38 -23.66 14.15
CA GLY C 104 -15.59 -24.00 13.38
C GLY C 104 -16.61 -22.89 13.20
N PHE C 105 -16.15 -21.76 12.67
CA PHE C 105 -17.03 -20.74 12.13
C PHE C 105 -16.14 -19.77 11.37
N GLY C 106 -16.75 -19.01 10.48
CA GLY C 106 -16.04 -18.08 9.62
C GLY C 106 -16.71 -16.74 9.59
N ALA C 107 -16.37 -15.94 8.59
CA ALA C 107 -16.77 -14.54 8.59
C ALA C 107 -18.26 -14.32 8.31
N LYS C 108 -18.91 -15.27 7.61
CA LYS C 108 -20.36 -15.15 7.40
C LYS C 108 -20.99 -15.00 8.80
N GLU C 109 -20.68 -15.99 9.65
CA GLU C 109 -21.24 -16.10 10.99
C GLU C 109 -20.89 -14.87 11.82
N VAL C 110 -19.66 -14.40 11.71
CA VAL C 110 -19.30 -13.25 12.51
C VAL C 110 -20.10 -12.05 12.08
N ARG C 111 -20.21 -11.83 10.79
CA ARG C 111 -20.87 -10.63 10.34
C ARG C 111 -22.37 -10.72 10.53
N SER C 112 -22.91 -11.92 10.48
CA SER C 112 -24.33 -12.14 10.74
C SER C 112 -24.61 -12.34 12.22
N LEU C 113 -23.60 -12.09 13.07
CA LEU C 113 -23.71 -12.24 14.52
C LEU C 113 -24.28 -13.59 14.97
N SER C 114 -23.87 -14.67 14.33
CA SER C 114 -24.30 -15.99 14.75
C SER C 114 -23.97 -16.16 16.21
N GLY C 115 -24.72 -17.01 16.89
CA GLY C 115 -24.58 -17.17 18.33
C GLY C 115 -23.28 -17.83 18.74
N ARG C 116 -22.94 -18.92 18.06
CA ARG C 116 -21.74 -19.66 18.38
C ARG C 116 -20.55 -18.72 18.32
N ALA C 117 -20.49 -17.94 17.25
CA ALA C 117 -19.41 -17.00 17.00
C ALA C 117 -19.28 -15.99 18.12
N VAL C 118 -20.38 -15.31 18.39
CA VAL C 118 -20.41 -14.31 19.45
C VAL C 118 -20.02 -14.86 20.82
N ASN C 119 -20.34 -16.10 21.12
CA ASN C 119 -19.97 -16.64 22.43
C ASN C 119 -18.49 -16.81 22.46
N HIS C 120 -17.99 -17.61 21.55
CA HIS C 120 -16.57 -17.83 21.45
C HIS C 120 -15.77 -16.51 21.55
N ILE C 121 -16.28 -15.45 20.97
CA ILE C 121 -15.56 -14.20 20.95
C ILE C 121 -15.57 -13.61 22.35
N LYS C 122 -16.73 -13.61 22.99
CA LYS C 122 -16.85 -13.22 24.39
C LYS C 122 -15.82 -13.93 25.30
N SER C 123 -15.66 -15.23 25.10
CA SER C 123 -14.76 -16.01 25.95
C SER C 123 -13.30 -15.60 25.70
N VAL C 124 -12.94 -15.47 24.43
CA VAL C 124 -11.66 -14.90 24.01
C VAL C 124 -11.34 -13.56 24.68
N TRP C 125 -12.31 -12.66 24.68
CA TRP C 125 -12.15 -11.37 25.36
C TRP C 125 -12.09 -11.46 26.88
N LYS C 126 -12.69 -12.48 27.49
CA LYS C 126 -12.54 -12.71 28.93
C LYS C 126 -11.07 -13.03 29.12
N ASP C 127 -10.60 -14.03 28.37
CA ASP C 127 -9.24 -14.53 28.54
C ASP C 127 -8.22 -13.45 28.33
N LEU C 128 -8.51 -12.50 27.46
CA LEU C 128 -7.64 -11.32 27.33
C LEU C 128 -7.56 -10.54 28.63
N LEU C 129 -8.71 -10.39 29.26
CA LEU C 129 -8.78 -9.66 30.51
C LEU C 129 -8.22 -10.46 31.70
N GLU C 130 -8.46 -11.77 31.74
CA GLU C 130 -7.99 -12.58 32.86
C GLU C 130 -6.50 -12.88 32.81
N ASP C 131 -5.85 -12.64 31.69
CA ASP C 131 -4.56 -13.24 31.43
C ASP C 131 -3.77 -12.27 30.59
N PRO C 132 -2.68 -11.71 31.15
CA PRO C 132 -1.89 -10.78 30.39
C PRO C 132 -0.45 -11.27 30.05
N GLN C 133 -0.24 -12.58 29.95
CA GLN C 133 1.10 -13.04 29.59
C GLN C 133 1.11 -14.18 28.61
N THR C 134 0.17 -15.12 28.72
CA THR C 134 0.27 -16.29 27.87
C THR C 134 0.32 -15.87 26.40
N PRO C 135 1.44 -16.18 25.71
CA PRO C 135 1.52 -15.90 24.29
C PRO C 135 0.32 -16.46 23.52
N ILE C 136 -0.17 -15.71 22.54
CA ILE C 136 -1.27 -16.18 21.68
C ILE C 136 -0.72 -16.80 20.41
N PRO C 137 -1.10 -18.05 20.12
CA PRO C 137 -0.55 -18.63 18.89
C PRO C 137 -1.00 -17.87 17.63
N THR C 138 -0.14 -17.93 16.60
CA THR C 138 -0.34 -17.23 15.35
C THR C 138 -0.12 -18.23 14.25
N THR C 139 -0.74 -17.99 13.09
CA THR C 139 -0.48 -18.76 11.89
C THR C 139 0.45 -17.98 10.98
N ILE C 140 1.32 -18.69 10.26
CA ILE C 140 2.20 -18.07 9.26
C ILE C 140 1.99 -18.63 7.86
N MET C 141 1.76 -17.71 6.93
CA MET C 141 1.53 -18.04 5.53
C MET C 141 2.28 -17.05 4.64
N ALA C 142 2.45 -17.49 3.41
CA ALA C 142 3.13 -16.72 2.39
C ALA C 142 2.10 -15.94 1.62
N LYS C 143 2.45 -14.75 1.19
CA LYS C 143 1.53 -13.94 0.42
C LYS C 143 1.69 -14.23 -1.06
N ASN C 144 0.60 -14.12 -1.80
CA ASN C 144 0.63 -14.37 -3.24
C ASN C 144 0.45 -13.09 -3.98
N GLU C 145 1.56 -12.42 -4.29
CA GLU C 145 1.52 -11.24 -5.15
C GLU C 145 2.04 -11.66 -6.50
N VAL C 146 1.62 -10.91 -7.52
CA VAL C 146 2.08 -11.10 -8.89
C VAL C 146 3.05 -10.00 -9.30
N PHE C 147 4.12 -10.40 -9.97
CA PHE C 147 5.14 -9.46 -10.46
C PHE C 147 5.62 -9.86 -11.85
N CYS C 148 6.29 -8.92 -12.50
CA CYS C 148 7.10 -9.20 -13.67
C CYS C 148 8.43 -9.69 -13.15
N VAL C 149 9.09 -10.60 -13.85
CA VAL C 149 10.45 -11.00 -13.43
C VAL C 149 11.37 -9.83 -13.70
N ASP C 150 12.47 -9.76 -12.96
CA ASP C 150 13.44 -8.68 -13.15
C ASP C 150 14.83 -9.27 -12.95
N PRO C 151 15.52 -9.62 -14.06
CA PRO C 151 16.78 -10.31 -13.85
C PRO C 151 17.84 -9.36 -13.30
N ALA C 152 17.64 -8.05 -13.47
CA ALA C 152 18.42 -7.04 -12.74
C ALA C 152 18.41 -7.31 -11.22
N LYS C 153 17.24 -7.25 -10.59
CA LYS C 153 17.11 -7.44 -9.14
C LYS C 153 16.66 -8.88 -8.73
N GLY C 154 17.32 -9.91 -9.28
CA GLY C 154 17.29 -11.27 -8.68
C GLY C 154 16.67 -12.46 -9.42
N GLY C 155 15.91 -12.21 -10.47
CA GLY C 155 15.01 -13.24 -11.01
C GLY C 155 13.63 -12.99 -10.44
N LYS C 156 13.24 -13.79 -9.45
CA LYS C 156 11.92 -13.70 -8.84
C LYS C 156 11.99 -13.43 -7.34
N LYS C 157 11.24 -12.43 -6.88
CA LYS C 157 11.17 -12.12 -5.45
C LYS C 157 10.65 -13.30 -4.63
N PRO C 158 11.21 -13.52 -3.43
CA PRO C 158 10.58 -14.46 -2.52
C PRO C 158 9.32 -13.84 -1.89
N ALA C 159 8.37 -14.69 -1.54
CA ALA C 159 7.10 -14.26 -0.97
C ALA C 159 7.22 -13.59 0.39
N ARG C 160 6.44 -12.54 0.57
CA ARG C 160 6.32 -11.86 1.84
C ARG C 160 5.69 -12.82 2.85
N LEU C 161 5.94 -12.58 4.13
CA LEU C 161 5.44 -13.46 5.17
C LEU C 161 4.28 -12.84 5.88
N ILE C 162 3.22 -13.61 6.01
CA ILE C 162 2.05 -13.14 6.71
C ILE C 162 1.87 -13.91 8.00
N VAL C 163 1.72 -13.17 9.11
CA VAL C 163 1.56 -13.75 10.41
C VAL C 163 0.36 -13.15 11.13
N TYR C 164 -0.60 -13.99 11.49
CA TYR C 164 -1.84 -13.52 12.10
C TYR C 164 -2.48 -14.53 13.10
N PRO C 165 -3.22 -14.00 14.10
CA PRO C 165 -3.95 -14.80 15.07
C PRO C 165 -5.29 -15.28 14.53
N ASP C 166 -5.94 -16.20 15.24
CA ASP C 166 -7.27 -16.67 14.88
C ASP C 166 -8.27 -15.51 14.81
N LEU C 167 -9.31 -15.73 14.02
CA LEU C 167 -10.37 -14.77 13.79
C LEU C 167 -11.01 -14.14 15.07
N GLY C 168 -11.29 -14.98 16.05
CA GLY C 168 -11.72 -14.49 17.36
C GLY C 168 -10.84 -13.38 17.90
N VAL C 169 -9.53 -13.60 17.87
CA VAL C 169 -8.61 -12.62 18.37
C VAL C 169 -8.68 -11.34 17.55
N ARG C 170 -8.86 -11.49 16.23
CA ARG C 170 -8.90 -10.31 15.34
C ARG C 170 -10.05 -9.39 15.67
N VAL C 171 -11.16 -9.99 16.06
CA VAL C 171 -12.33 -9.22 16.42
C VAL C 171 -12.05 -8.45 17.67
N CYS C 172 -11.41 -9.13 18.61
CA CYS C 172 -11.16 -8.51 19.91
C CYS C 172 -10.25 -7.33 19.76
N GLU C 173 -9.22 -7.50 18.93
CA GLU C 173 -8.32 -6.41 18.57
C GLU C 173 -9.11 -5.20 18.18
N LYS C 174 -10.06 -5.44 17.29
CA LYS C 174 -10.90 -4.36 16.82
C LYS C 174 -11.64 -3.71 17.99
N MET C 175 -12.22 -4.54 18.87
CA MET C 175 -12.97 -4.01 20.02
C MET C 175 -12.09 -3.03 20.82
N ALA C 176 -10.89 -3.49 21.15
CA ALA C 176 -9.90 -2.74 21.90
C ALA C 176 -9.35 -1.48 21.16
N LEU C 177 -9.07 -1.61 19.86
CA LEU C 177 -8.20 -0.65 19.17
C LEU C 177 -8.77 0.13 17.98
N TYR C 178 -9.65 -0.47 17.20
CA TYR C 178 -10.20 0.23 16.05
C TYR C 178 -10.41 1.74 16.26
N ASP C 179 -10.98 2.13 17.39
CA ASP C 179 -11.32 3.53 17.54
C ASP C 179 -10.05 4.31 17.56
N ILE C 180 -9.07 3.80 18.32
CA ILE C 180 -7.74 4.38 18.29
C ILE C 180 -7.21 4.55 16.88
N THR C 181 -7.24 3.48 16.08
CA THR C 181 -6.72 3.54 14.72
C THR C 181 -7.37 4.69 13.95
N GLN C 182 -8.65 4.92 14.21
CA GLN C 182 -9.34 6.02 13.58
C GLN C 182 -8.86 7.41 14.05
N LYS C 183 -8.35 7.53 15.26
CA LYS C 183 -8.07 8.87 15.78
C LYS C 183 -6.59 9.20 15.94
N LEU C 184 -5.87 8.30 16.58
CA LEU C 184 -4.51 8.54 17.06
C LEU C 184 -3.53 9.14 16.04
N PRO C 185 -3.29 8.42 14.92
CA PRO C 185 -2.29 8.89 13.98
C PRO C 185 -2.54 10.33 13.54
N GLN C 186 -3.74 10.62 13.05
CA GLN C 186 -4.07 11.97 12.64
C GLN C 186 -3.70 12.96 13.74
N ALA C 187 -4.00 12.59 14.99
CA ALA C 187 -3.74 13.46 16.11
C ALA C 187 -2.26 13.64 16.36
N VAL C 188 -1.52 12.55 16.23
CA VAL C 188 -0.10 12.57 16.51
C VAL C 188 0.74 13.22 15.40
N MET C 189 0.41 12.93 14.15
CA MET C 189 1.25 13.35 13.01
C MET C 189 0.69 14.51 12.22
N GLY C 190 -0.58 14.83 12.41
CA GLY C 190 -1.16 15.96 11.71
C GLY C 190 -1.11 15.76 10.21
N ALA C 191 -0.94 16.87 9.49
CA ALA C 191 -0.77 16.85 8.04
C ALA C 191 0.26 15.79 7.53
N SER C 192 1.27 15.43 8.33
CA SER C 192 2.24 14.41 7.94
C SER C 192 1.66 13.00 7.77
N TYR C 193 0.49 12.74 8.36
CA TYR C 193 -0.11 11.44 8.24
C TYR C 193 -0.60 11.23 6.83
N GLY C 194 0.02 10.29 6.13
CA GLY C 194 -0.15 10.18 4.68
C GLY C 194 -1.41 9.49 4.20
N PHE C 195 -1.86 8.49 4.93
CA PHE C 195 -3.06 7.77 4.55
C PHE C 195 -4.33 8.63 4.62
N GLN C 196 -4.28 9.84 5.16
CA GLN C 196 -5.47 10.72 5.14
C GLN C 196 -5.81 11.25 3.74
N TYR C 197 -4.82 11.37 2.86
CA TYR C 197 -5.00 12.14 1.62
C TYR C 197 -5.40 11.31 0.41
N SER C 198 -6.13 11.96 -0.50
CA SER C 198 -6.32 11.47 -1.86
C SER C 198 -5.02 11.52 -2.64
N PRO C 199 -4.92 10.75 -3.73
CA PRO C 199 -3.81 10.96 -4.65
C PRO C 199 -3.59 12.43 -4.98
N ALA C 200 -4.69 13.15 -5.17
CA ALA C 200 -4.60 14.52 -5.63
C ALA C 200 -4.08 15.39 -4.51
N GLN C 201 -4.53 15.14 -3.30
CA GLN C 201 -4.04 15.91 -2.17
C GLN C 201 -2.59 15.58 -1.83
N ARG C 202 -2.14 14.35 -2.07
CA ARG C 202 -0.72 14.04 -1.91
C ARG C 202 0.07 14.96 -2.76
N VAL C 203 -0.39 15.08 -4.00
CA VAL C 203 0.32 15.87 -4.99
C VAL C 203 0.34 17.36 -4.62
N GLU C 204 -0.80 17.88 -4.16
CA GLU C 204 -0.89 19.30 -3.82
C GLU C 204 -0.09 19.58 -2.58
N TYR C 205 -0.08 18.63 -1.66
CA TYR C 205 0.64 18.76 -0.43
C TYR C 205 2.09 18.82 -0.74
N LEU C 206 2.57 17.88 -1.55
CA LEU C 206 3.97 17.86 -1.96
C LEU C 206 4.36 19.13 -2.67
N LEU C 207 3.50 19.64 -3.53
CA LEU C 207 3.78 20.89 -4.22
C LEU C 207 3.81 22.11 -3.29
N LYS C 208 2.81 22.24 -2.39
CA LYS C 208 2.80 23.33 -1.39
C LYS C 208 4.12 23.29 -0.59
N ALA C 209 4.53 22.09 -0.19
CA ALA C 209 5.77 21.89 0.57
C ALA C 209 6.94 22.41 -0.21
N TRP C 210 7.05 21.93 -1.43
CA TRP C 210 8.17 22.26 -2.30
C TRP C 210 8.24 23.76 -2.53
N ALA C 211 7.07 24.36 -2.71
CA ALA C 211 7.00 25.76 -3.05
C ALA C 211 7.34 26.65 -1.88
N GLU C 212 7.03 26.22 -0.66
CA GLU C 212 7.30 27.02 0.52
C GLU C 212 8.77 27.17 0.85
N LYS C 213 9.61 26.22 0.49
CA LYS C 213 11.04 26.35 0.75
C LYS C 213 11.64 27.45 -0.13
N LYS C 214 12.53 28.28 0.45
CA LYS C 214 13.36 29.20 -0.35
C LYS C 214 14.18 28.38 -1.37
N ASP C 215 14.67 27.22 -0.96
CA ASP C 215 15.56 26.44 -1.81
C ASP C 215 15.43 24.96 -1.46
N PRO C 216 14.39 24.32 -2.01
CA PRO C 216 13.89 23.04 -1.52
C PRO C 216 14.79 21.91 -1.86
N MET C 217 14.84 20.93 -0.98
CA MET C 217 15.54 19.68 -1.25
C MET C 217 14.68 18.56 -0.75
N GLY C 218 14.51 17.53 -1.54
CA GLY C 218 13.62 16.45 -1.15
C GLY C 218 14.33 15.14 -1.16
N PHE C 219 13.81 14.17 -0.43
CA PHE C 219 14.30 12.81 -0.55
C PHE C 219 13.26 11.87 0.03
N SER C 220 13.41 10.60 -0.28
CA SER C 220 12.56 9.55 0.29
C SER C 220 13.41 8.51 0.97
N TYR C 221 12.74 7.70 1.79
CA TYR C 221 13.38 6.67 2.60
C TYR C 221 12.39 5.55 2.77
N ASP C 222 12.91 4.33 2.79
CA ASP C 222 12.14 3.11 3.02
C ASP C 222 13.04 2.18 3.84
N THR C 223 12.42 1.36 4.67
CA THR C 223 13.19 0.50 5.53
C THR C 223 13.13 -0.92 4.98
N ARG C 224 14.27 -1.59 5.08
CA ARG C 224 14.46 -2.93 4.56
C ARG C 224 13.77 -3.93 5.47
N HIS C 225 12.73 -4.61 5.00
CA HIS C 225 12.05 -5.58 5.83
C HIS C 225 11.53 -4.93 7.10
N PHE C 226 10.83 -3.81 6.94
CA PHE C 226 10.49 -2.98 8.10
C PHE C 226 9.86 -3.77 9.23
N ASP C 227 8.93 -4.67 8.91
CA ASP C 227 8.25 -5.38 9.98
C ASP C 227 9.28 -6.10 10.88
N SER C 228 10.28 -6.75 10.30
CA SER C 228 11.27 -7.44 11.12
C SER C 228 12.27 -6.53 11.80
N THR C 229 12.32 -5.25 11.44
CA THR C 229 13.18 -4.32 12.19
C THR C 229 12.54 -3.77 13.45
N VAL C 230 11.25 -4.04 13.61
CA VAL C 230 10.51 -3.56 14.79
C VAL C 230 10.92 -4.38 16.04
N THR C 231 11.31 -3.66 17.08
CA THR C 231 11.78 -4.32 18.30
C THR C 231 10.69 -4.47 19.36
N GLU C 232 10.81 -5.55 20.15
CA GLU C 232 9.95 -5.73 21.32
C GLU C 232 9.75 -4.39 21.99
N ARG C 233 10.84 -3.71 22.23
CA ARG C 233 10.78 -2.44 22.87
C ARG C 233 9.94 -1.41 22.11
N ASP C 234 10.18 -1.32 20.81
CA ASP C 234 9.43 -0.41 19.94
C ASP C 234 7.93 -0.55 20.10
N ILE C 235 7.51 -1.81 20.24
CA ILE C 235 6.11 -2.18 20.32
C ILE C 235 5.55 -1.75 21.63
N ARG C 236 6.27 -2.07 22.70
CA ARG C 236 5.91 -1.55 24.03
C ARG C 236 5.82 -0.03 24.01
N THR C 237 6.78 0.62 23.37
CA THR C 237 6.70 2.06 23.22
C THR C 237 5.42 2.41 22.46
N GLU C 238 5.04 1.60 21.47
CA GLU C 238 3.77 1.80 20.78
C GLU C 238 2.60 1.73 21.79
N GLU C 239 2.54 0.64 22.55
CA GLU C 239 1.53 0.54 23.63
C GLU C 239 1.50 1.78 24.50
N SER C 240 2.66 2.16 24.99
CA SER C 240 2.71 3.27 25.91
C SER C 240 2.18 4.55 25.25
N ILE C 241 2.10 4.59 23.92
CA ILE C 241 1.49 5.71 23.23
C ILE C 241 -0.01 5.51 23.16
N TYR C 242 -0.43 4.27 22.93
CA TYR C 242 -1.84 3.96 22.88
C TYR C 242 -2.47 4.39 24.20
N GLN C 243 -1.89 3.87 25.28
CA GLN C 243 -2.30 4.19 26.66
C GLN C 243 -2.37 5.70 26.93
N ALA C 244 -1.42 6.47 26.43
CA ALA C 244 -1.43 7.89 26.66
C ALA C 244 -2.73 8.63 26.31
N CYS C 245 -3.71 7.96 25.70
CA CYS C 245 -5.00 8.61 25.40
C CYS C 245 -5.95 8.51 26.61
N SER C 246 -7.16 9.04 26.47
CA SER C 246 -8.24 8.75 27.42
C SER C 246 -8.86 7.42 27.04
N LEU C 247 -8.84 6.45 27.96
CA LEU C 247 -9.37 5.10 27.68
C LEU C 247 -10.15 4.46 28.83
N PRO C 248 -11.31 3.89 28.50
CA PRO C 248 -11.96 2.95 29.38
C PRO C 248 -10.98 1.99 29.95
N GLU C 249 -10.94 1.89 31.27
CA GLU C 249 -9.96 1.03 31.91
C GLU C 249 -9.97 -0.33 31.26
N GLU C 250 -11.14 -0.77 30.79
CA GLU C 250 -11.26 -2.10 30.22
C GLU C 250 -10.39 -2.28 28.97
N ALA C 251 -10.24 -1.19 28.23
CA ALA C 251 -9.38 -1.14 27.04
C ALA C 251 -7.93 -1.37 27.44
N ARG C 252 -7.44 -0.49 28.32
CA ARG C 252 -6.07 -0.53 28.79
C ARG C 252 -5.65 -1.96 29.08
N THR C 253 -6.51 -2.67 29.78
CA THR C 253 -6.17 -4.03 30.18
C THR C 253 -6.02 -4.94 28.99
N ALA C 254 -6.89 -4.72 28.00
CA ALA C 254 -6.93 -5.51 26.75
C ALA C 254 -5.79 -5.12 25.81
N ILE C 255 -5.57 -3.83 25.71
CA ILE C 255 -4.44 -3.34 24.96
C ILE C 255 -3.15 -3.93 25.53
N HIS C 256 -2.91 -3.68 26.83
CA HIS C 256 -1.70 -4.19 27.46
C HIS C 256 -1.60 -5.68 27.30
N SER C 257 -2.74 -6.36 27.36
CA SER C 257 -2.73 -7.82 27.29
C SER C 257 -2.37 -8.27 25.85
N LEU C 258 -2.88 -7.52 24.86
CA LEU C 258 -2.63 -7.84 23.45
C LEU C 258 -1.19 -7.56 23.12
N THR C 259 -0.71 -6.41 23.57
CA THR C 259 0.70 -6.07 23.45
C THR C 259 1.62 -7.19 23.87
N GLU C 260 1.37 -7.74 25.04
CA GLU C 260 2.33 -8.65 25.62
C GLU C 260 2.15 -10.04 25.09
N ARG C 261 0.93 -10.38 24.70
CA ARG C 261 0.63 -11.75 24.27
C ARG C 261 0.72 -11.96 22.76
N LEU C 262 0.56 -10.87 22.01
CA LEU C 262 0.41 -10.95 20.55
C LEU C 262 1.42 -10.10 19.82
N TYR C 263 1.42 -8.82 20.14
CA TYR C 263 2.20 -7.85 19.41
C TYR C 263 3.74 -7.99 19.55
N VAL C 264 4.29 -8.08 20.76
CA VAL C 264 5.76 -8.28 20.87
C VAL C 264 6.28 -9.64 20.40
N GLY C 265 5.41 -10.62 20.24
CA GLY C 265 5.93 -11.90 19.79
C GLY C 265 5.01 -13.08 19.94
N GLY C 266 5.55 -14.24 19.65
CA GLY C 266 4.83 -15.47 19.85
C GLY C 266 5.18 -16.59 18.89
N PRO C 267 4.67 -17.77 19.18
CA PRO C 267 4.86 -18.93 18.34
C PRO C 267 4.04 -18.86 17.07
N MET C 268 4.61 -19.40 16.01
CA MET C 268 4.02 -19.36 14.70
C MET C 268 3.81 -20.80 14.30
N PHE C 269 2.69 -21.05 13.64
CA PHE C 269 2.32 -22.38 13.22
C PHE C 269 2.04 -22.36 11.72
N ASN C 270 2.47 -23.39 11.01
CA ASN C 270 2.22 -23.44 9.58
C ASN C 270 0.79 -23.90 9.39
N SER C 271 0.32 -23.86 8.16
CA SER C 271 -1.06 -24.26 7.90
C SER C 271 -1.36 -25.72 8.25
N LYS C 272 -0.35 -26.60 8.21
CA LYS C 272 -0.52 -28.01 8.57
C LYS C 272 -0.58 -28.25 10.10
N GLY C 273 -0.43 -27.20 10.91
CA GLY C 273 -0.52 -27.37 12.38
C GLY C 273 0.79 -27.36 13.15
N GLN C 274 1.91 -27.71 12.52
CA GLN C 274 3.22 -27.78 13.21
C GLN C 274 3.75 -26.45 13.74
N THR C 275 4.55 -26.52 14.80
CA THR C 275 5.25 -25.34 15.31
C THR C 275 6.25 -24.93 14.23
N CYS C 276 6.31 -23.66 13.90
CA CYS C 276 7.12 -23.20 12.78
C CYS C 276 8.31 -22.36 13.22
N GLY C 277 8.10 -21.50 14.22
CA GLY C 277 9.16 -20.63 14.68
C GLY C 277 8.65 -19.77 15.80
N TYR C 278 9.41 -18.75 16.17
CA TYR C 278 8.99 -17.82 17.18
C TYR C 278 9.44 -16.43 16.74
N ARG C 279 8.63 -15.44 17.08
CA ARG C 279 8.68 -14.14 16.51
C ARG C 279 8.92 -13.09 17.56
N ARG C 280 9.79 -12.12 17.29
CA ARG C 280 10.04 -11.06 18.27
C ARG C 280 10.03 -9.69 17.60
N CYS C 281 9.22 -9.57 16.55
CA CYS C 281 9.06 -8.32 15.82
C CYS C 281 7.59 -8.16 15.45
N ARG C 282 7.30 -7.16 14.63
CA ARG C 282 5.96 -6.97 14.11
C ARG C 282 5.38 -8.20 13.40
N ALA C 283 4.13 -8.51 13.71
CA ALA C 283 3.35 -9.40 12.88
C ALA C 283 2.57 -8.59 11.83
N SER C 284 2.63 -9.07 10.61
CA SER C 284 2.05 -8.39 9.49
C SER C 284 0.55 -8.31 9.64
N GLY C 285 -0.07 -9.41 10.06
CA GLY C 285 -1.54 -9.52 10.05
C GLY C 285 -2.33 -9.07 11.27
N VAL C 286 -1.89 -8.01 11.95
CA VAL C 286 -2.57 -7.53 13.14
C VAL C 286 -3.18 -6.18 12.88
N LEU C 287 -4.16 -5.81 13.70
CA LEU C 287 -4.85 -4.56 13.54
C LEU C 287 -3.90 -3.38 13.62
N THR C 288 -2.88 -3.50 14.46
CA THR C 288 -1.98 -2.38 14.73
C THR C 288 -0.89 -2.17 13.71
N THR C 289 -0.77 -3.08 12.75
CA THR C 289 0.29 -3.03 11.76
C THR C 289 0.48 -1.66 11.07
N SER C 290 -0.55 -1.13 10.42
CA SER C 290 -0.36 0.12 9.68
C SER C 290 -0.15 1.27 10.63
N MET C 291 -1.02 1.37 11.61
CA MET C 291 -0.90 2.40 12.63
C MET C 291 0.48 2.34 13.27
N GLY C 292 0.85 1.13 13.72
CA GLY C 292 2.14 0.90 14.36
C GLY C 292 3.26 1.37 13.45
N ASN C 293 3.40 0.69 12.33
CA ASN C 293 4.42 1.04 11.37
C ASN C 293 4.51 2.53 11.17
N THR C 294 3.37 3.16 10.95
CA THR C 294 3.35 4.55 10.58
C THR C 294 3.86 5.42 11.71
N ILE C 295 3.37 5.16 12.91
CA ILE C 295 3.73 5.96 14.05
C ILE C 295 5.20 5.75 14.37
N THR C 296 5.57 4.49 14.51
CA THR C 296 6.94 4.17 14.85
C THR C 296 7.91 4.75 13.83
N CYS C 297 7.64 4.49 12.56
CA CYS C 297 8.46 5.08 11.52
C CYS C 297 8.52 6.60 11.70
N TYR C 298 7.40 7.21 12.05
CA TYR C 298 7.39 8.66 12.19
C TYR C 298 8.28 9.17 13.33
N VAL C 299 8.35 8.41 14.40
CA VAL C 299 9.18 8.79 15.54
C VAL C 299 10.63 8.76 15.09
N LYS C 300 11.07 7.58 14.72
CA LYS C 300 12.43 7.39 14.31
C LYS C 300 12.84 8.47 13.27
N ALA C 301 11.97 8.71 12.29
CA ALA C 301 12.29 9.62 11.20
C ALA C 301 12.48 11.05 11.63
N LEU C 302 11.57 11.52 12.47
CA LEU C 302 11.67 12.88 12.96
C LEU C 302 12.90 13.01 13.87
N ALA C 303 13.24 11.94 14.57
CA ALA C 303 14.40 11.92 15.42
C ALA C 303 15.61 12.01 14.52
N ALA C 304 15.72 11.07 13.58
CA ALA C 304 16.80 11.06 12.61
C ALA C 304 16.91 12.41 11.91
N CYS C 305 15.77 13.01 11.58
CA CYS C 305 15.82 14.36 11.02
C CYS C 305 16.59 15.30 11.90
N LYS C 306 16.22 15.36 13.17
CA LYS C 306 16.86 16.27 14.11
C LYS C 306 18.33 15.91 14.32
N ALA C 307 18.65 14.63 14.37
CA ALA C 307 20.06 14.21 14.42
C ALA C 307 20.91 14.73 13.26
N ALA C 308 20.32 14.76 12.07
CA ALA C 308 21.07 14.91 10.86
C ALA C 308 21.12 16.36 10.45
N GLY C 309 20.32 17.20 11.06
CA GLY C 309 20.38 18.61 10.78
C GLY C 309 19.39 19.09 9.75
N ILE C 310 18.35 18.32 9.45
CA ILE C 310 17.48 18.67 8.35
C ILE C 310 16.68 19.90 8.66
N VAL C 311 16.85 20.97 7.90
CA VAL C 311 16.19 22.23 8.21
C VAL C 311 14.78 22.27 7.67
N ALA C 312 13.85 22.68 8.52
CA ALA C 312 12.49 22.97 8.13
C ALA C 312 11.83 21.79 7.43
N PRO C 313 12.00 20.59 7.95
CA PRO C 313 11.50 19.39 7.31
C PRO C 313 10.02 19.43 7.22
N THR C 314 9.47 18.93 6.12
CA THR C 314 8.05 18.66 5.96
C THR C 314 7.93 17.23 5.54
N MET C 315 7.21 16.44 6.32
CA MET C 315 7.17 14.99 6.12
C MET C 315 5.85 14.49 5.58
N LEU C 316 5.91 13.25 5.13
CA LEU C 316 4.73 12.55 4.71
C LEU C 316 5.01 11.10 4.95
N VAL C 317 4.20 10.46 5.80
CA VAL C 317 4.46 9.08 6.20
C VAL C 317 3.29 8.17 5.88
N CYS C 318 3.59 7.06 5.22
CA CYS C 318 2.62 6.02 4.98
C CYS C 318 3.36 4.72 5.33
N GLY C 319 3.19 4.26 6.56
CA GLY C 319 3.86 3.03 6.97
C GLY C 319 5.35 3.25 7.01
N ASP C 320 6.14 2.37 6.39
CA ASP C 320 7.60 2.54 6.41
C ASP C 320 8.12 3.48 5.34
N ASP C 321 7.22 4.14 4.61
CA ASP C 321 7.61 4.92 3.45
C ASP C 321 7.47 6.36 3.83
N LEU C 322 8.51 7.16 3.61
CA LEU C 322 8.38 8.61 3.77
C LEU C 322 9.09 9.49 2.77
N ILE C 323 8.67 10.75 2.78
CA ILE C 323 9.25 11.80 1.99
C ILE C 323 9.45 12.98 2.90
N VAL C 324 10.64 13.57 2.84
CA VAL C 324 10.93 14.78 3.56
C VAL C 324 11.32 15.85 2.58
N ILE C 325 10.67 16.99 2.65
CA ILE C 325 11.06 18.11 1.82
C ILE C 325 11.57 19.23 2.71
N SER C 326 12.85 19.53 2.55
CA SER C 326 13.65 20.23 3.52
C SER C 326 14.16 21.50 2.86
N GLU C 327 14.80 22.37 3.63
CA GLU C 327 15.51 23.51 3.05
C GLU C 327 16.88 22.99 2.74
N SER C 328 17.31 23.20 1.50
CA SER C 328 18.62 22.73 1.09
C SER C 328 19.64 23.53 1.85
N GLN C 329 20.68 22.85 2.32
CA GLN C 329 21.83 23.51 2.94
C GLN C 329 23.07 23.41 2.03
N GLY C 330 22.84 23.55 0.72
CA GLY C 330 23.86 23.27 -0.27
C GLY C 330 24.07 21.78 -0.44
N THR C 331 24.44 21.39 -1.64
CA THR C 331 24.54 19.98 -1.93
C THR C 331 25.60 19.32 -1.09
N GLU C 332 26.68 20.00 -0.77
CA GLU C 332 27.79 19.36 -0.05
C GLU C 332 27.32 18.91 1.34
N GLU C 333 26.59 19.82 2.02
CA GLU C 333 26.02 19.53 3.32
C GLU C 333 24.83 18.60 3.21
N ASP C 334 23.95 18.83 2.24
CA ASP C 334 22.81 17.93 2.02
C ASP C 334 23.27 16.46 1.88
N GLU C 335 24.40 16.24 1.22
CA GLU C 335 24.85 14.87 1.07
C GLU C 335 25.22 14.36 2.46
N ARG C 336 25.90 15.22 3.21
CA ARG C 336 26.39 14.85 4.55
C ARG C 336 25.21 14.56 5.50
N ASN C 337 24.23 15.45 5.52
CA ASN C 337 23.06 15.26 6.38
C ASN C 337 22.31 13.96 6.10
N LEU C 338 22.14 13.60 4.84
CA LEU C 338 21.48 12.35 4.54
C LEU C 338 22.26 11.12 4.96
N ARG C 339 23.58 11.18 4.98
CA ARG C 339 24.34 10.07 5.54
C ARG C 339 23.95 9.95 7.01
N ALA C 340 23.95 11.08 7.71
CA ALA C 340 23.69 11.19 9.14
C ALA C 340 22.31 10.62 9.51
N PHE C 341 21.30 11.07 8.77
CA PHE C 341 19.93 10.58 8.84
C PHE C 341 19.96 9.08 8.82
N THR C 342 20.67 8.54 7.84
CA THR C 342 20.70 7.11 7.62
C THR C 342 21.38 6.39 8.76
N GLU C 343 22.49 6.96 9.24
CA GLU C 343 23.15 6.40 10.43
C GLU C 343 22.16 6.40 11.61
N ALA C 344 21.54 7.55 11.87
CA ALA C 344 20.59 7.66 12.95
C ALA C 344 19.48 6.61 12.86
N MET C 345 18.90 6.48 11.67
CA MET C 345 17.81 5.54 11.47
C MET C 345 18.31 4.15 11.72
N THR C 346 19.51 3.88 11.26
CA THR C 346 20.13 2.56 11.46
C THR C 346 20.37 2.31 12.96
N ARG C 347 20.79 3.34 13.69
CA ARG C 347 20.94 3.20 15.12
C ARG C 347 19.59 2.89 15.75
N TYR C 348 18.53 3.54 15.27
CA TYR C 348 17.16 3.18 15.69
C TYR C 348 16.57 1.84 15.16
N SER C 349 17.35 1.06 14.43
CA SER C 349 16.86 -0.20 13.87
C SER C 349 15.80 0.00 12.81
N ALA C 350 16.13 0.83 11.83
CA ALA C 350 15.31 1.00 10.65
C ALA C 350 16.28 1.42 9.56
N PRO C 351 17.14 0.48 9.14
CA PRO C 351 18.12 0.72 8.09
C PRO C 351 17.47 0.58 6.72
N PRO C 352 18.02 1.25 5.71
CA PRO C 352 17.29 1.31 4.46
C PRO C 352 17.69 0.20 3.51
N GLY C 353 16.83 -0.05 2.53
CA GLY C 353 17.20 -0.90 1.40
C GLY C 353 18.25 -0.16 0.62
N ASP C 354 17.84 0.85 -0.13
CA ASP C 354 18.77 1.66 -0.89
C ASP C 354 19.03 2.93 -0.15
N PRO C 355 20.30 3.28 0.02
CA PRO C 355 20.51 4.45 0.83
C PRO C 355 19.93 5.63 0.10
N PRO C 356 19.34 6.56 0.82
CA PRO C 356 18.71 7.70 0.20
C PRO C 356 19.71 8.71 -0.34
N ARG C 357 19.16 9.68 -1.07
CA ARG C 357 19.93 10.60 -1.86
C ARG C 357 19.15 11.89 -1.95
N PRO C 358 19.81 13.03 -1.76
CA PRO C 358 19.00 14.25 -1.93
C PRO C 358 18.74 14.54 -3.39
N GLU C 359 17.59 15.12 -3.65
CA GLU C 359 17.15 15.42 -4.98
C GLU C 359 16.56 16.81 -4.97
N TYR C 360 16.58 17.46 -6.12
CA TYR C 360 16.11 18.86 -6.25
C TYR C 360 15.12 19.04 -7.41
N ASP C 361 14.52 17.93 -7.84
CA ASP C 361 13.51 17.92 -8.87
C ASP C 361 12.48 16.97 -8.38
N LEU C 362 11.24 17.43 -8.33
CA LEU C 362 10.21 16.66 -7.70
C LEU C 362 9.96 15.33 -8.39
N GLU C 363 10.22 15.24 -9.69
CA GLU C 363 9.93 14.01 -10.45
C GLU C 363 10.80 12.84 -10.04
N LEU C 364 11.95 13.16 -9.46
CA LEU C 364 12.94 12.14 -9.09
C LEU C 364 12.78 11.52 -7.69
N ILE C 365 11.70 11.81 -7.00
CA ILE C 365 11.46 11.25 -5.68
C ILE C 365 10.34 10.23 -5.77
N THR C 366 10.66 8.94 -5.57
CA THR C 366 9.64 7.90 -5.58
C THR C 366 9.31 7.47 -4.16
N SER C 367 8.02 7.27 -3.86
CA SER C 367 7.58 6.67 -2.59
C SER C 367 6.27 5.94 -2.75
N CYS C 368 6.09 4.87 -1.98
CA CYS C 368 4.93 3.97 -2.11
C CYS C 368 4.82 3.56 -3.57
N SER C 369 5.96 3.30 -4.20
CA SER C 369 6.02 2.95 -5.62
C SER C 369 5.51 3.98 -6.62
N SER C 370 5.18 5.18 -6.19
CA SER C 370 4.70 6.22 -7.11
C SER C 370 5.50 7.52 -7.05
N ASN C 371 5.22 8.40 -7.99
CA ASN C 371 5.83 9.72 -7.99
C ASN C 371 5.02 10.73 -8.75
N VAL C 372 5.44 11.98 -8.63
CA VAL C 372 4.80 13.07 -9.29
C VAL C 372 5.49 13.34 -10.58
N SER C 373 4.71 13.55 -11.62
CA SER C 373 5.26 13.99 -12.87
C SER C 373 4.42 15.13 -13.34
N VAL C 374 4.79 15.65 -14.49
CA VAL C 374 4.12 16.79 -15.04
C VAL C 374 3.89 16.61 -16.52
N ALA C 375 2.74 17.14 -16.94
CA ALA C 375 2.41 17.34 -18.33
C ALA C 375 1.65 18.67 -18.51
N LEU C 376 1.26 18.94 -19.75
CA LEU C 376 0.51 20.13 -20.11
C LEU C 376 -0.94 19.75 -20.34
N GLY C 377 -1.81 20.68 -19.97
CA GLY C 377 -3.22 20.50 -20.12
C GLY C 377 -3.73 21.25 -21.34
N PRO C 378 -5.08 21.36 -21.45
CA PRO C 378 -5.69 21.86 -22.67
C PRO C 378 -5.26 23.27 -22.96
N ARG C 379 -5.32 24.15 -21.97
CA ARG C 379 -5.00 25.56 -22.19
C ARG C 379 -3.46 25.80 -22.18
N GLY C 380 -2.66 24.75 -21.99
CA GLY C 380 -1.19 24.86 -22.05
C GLY C 380 -0.51 25.13 -20.70
N ARG C 381 -1.29 25.12 -19.62
CA ARG C 381 -0.74 25.24 -18.28
C ARG C 381 -0.09 23.87 -17.86
N ARG C 382 0.93 23.90 -17.00
CA ARG C 382 1.47 22.69 -16.37
C ARG C 382 0.41 21.99 -15.52
N ARG C 383 0.40 20.66 -15.55
CA ARG C 383 -0.49 19.85 -14.70
C ARG C 383 0.30 18.72 -14.09
N TYR C 384 0.41 18.74 -12.76
CA TYR C 384 1.17 17.74 -12.05
C TYR C 384 0.19 16.63 -11.68
N TYR C 385 0.67 15.39 -11.62
CA TYR C 385 -0.22 14.26 -11.36
C TYR C 385 0.60 13.08 -10.85
N LEU C 386 -0.08 12.02 -10.46
CA LEU C 386 0.58 10.92 -9.83
C LEU C 386 0.66 9.78 -10.80
N THR C 387 1.83 9.15 -10.83
CA THR C 387 2.09 8.06 -11.73
C THR C 387 3.10 7.07 -11.12
N ARG C 388 3.50 6.08 -11.91
CA ARG C 388 4.35 5.02 -11.43
C ARG C 388 4.80 4.20 -12.60
N ASP C 389 5.87 3.46 -12.40
CA ASP C 389 6.29 2.45 -13.35
C ASP C 389 5.10 1.51 -13.61
N PRO C 390 4.80 1.23 -14.88
CA PRO C 390 3.66 0.39 -15.20
C PRO C 390 3.91 -1.08 -15.16
N THR C 391 5.16 -1.46 -14.92
CA THR C 391 5.56 -2.85 -15.06
C THR C 391 4.59 -3.75 -14.31
N THR C 392 4.55 -3.59 -13.00
CA THR C 392 3.68 -4.41 -12.20
C THR C 392 2.21 -4.33 -12.59
N PRO C 393 1.67 -3.12 -12.77
CA PRO C 393 0.28 -3.08 -13.21
C PRO C 393 0.04 -3.92 -14.47
N LEU C 394 0.92 -3.79 -15.45
CA LEU C 394 0.78 -4.57 -16.67
C LEU C 394 0.99 -6.04 -16.41
N ALA C 395 1.92 -6.41 -15.55
CA ALA C 395 2.04 -7.81 -15.20
C ALA C 395 0.72 -8.34 -14.63
N ARG C 396 0.18 -7.62 -13.65
CA ARG C 396 -1.06 -8.05 -13.00
C ARG C 396 -2.22 -8.05 -13.96
N ALA C 397 -2.15 -7.15 -14.94
CA ALA C 397 -3.13 -7.13 -16.02
C ALA C 397 -3.12 -8.42 -16.81
N ALA C 398 -2.03 -9.19 -16.71
CA ALA C 398 -1.89 -10.43 -17.45
C ALA C 398 -1.98 -11.66 -16.58
N TRP C 399 -2.49 -11.51 -15.36
CA TRP C 399 -2.65 -12.66 -14.47
C TRP C 399 -4.04 -13.29 -14.64
N GLU C 400 -4.12 -14.33 -15.48
CA GLU C 400 -5.37 -15.05 -15.74
C GLU C 400 -5.19 -16.48 -15.35
N THR C 401 -5.99 -16.94 -14.39
CA THR C 401 -6.10 -18.35 -14.04
C THR C 401 -7.56 -18.77 -14.01
N VAL C 402 -7.76 -20.04 -13.68
CA VAL C 402 -9.10 -20.57 -13.45
C VAL C 402 -9.85 -19.74 -12.38
N ARG C 403 -9.18 -19.42 -11.28
CA ARG C 403 -9.81 -18.73 -10.17
C ARG C 403 -9.94 -17.25 -10.48
N HIS C 404 -8.88 -16.64 -11.02
CA HIS C 404 -8.78 -15.17 -11.10
C HIS C 404 -8.93 -14.55 -12.50
N SER C 405 -9.57 -13.38 -12.56
CA SER C 405 -9.64 -12.60 -13.77
C SER C 405 -9.13 -11.18 -13.50
N PRO C 406 -8.33 -10.63 -14.42
CA PRO C 406 -7.62 -9.38 -14.21
C PRO C 406 -8.40 -8.13 -14.64
N ILE C 407 -9.58 -8.32 -15.21
CA ILE C 407 -10.36 -7.23 -15.77
C ILE C 407 -10.62 -6.20 -14.68
N ASN C 408 -10.85 -6.67 -13.47
CA ASN C 408 -11.02 -5.75 -12.38
C ASN C 408 -9.78 -4.89 -12.17
N SER C 409 -8.63 -5.56 -12.07
CA SER C 409 -7.33 -4.86 -11.98
C SER C 409 -7.20 -3.79 -13.04
N TRP C 410 -7.58 -4.11 -14.26
CA TRP C 410 -7.43 -3.17 -15.36
C TRP C 410 -8.11 -1.90 -14.97
N LEU C 411 -9.40 -2.05 -14.67
CA LEU C 411 -10.25 -0.94 -14.27
C LEU C 411 -9.73 -0.24 -13.04
N GLY C 412 -9.28 -0.99 -12.08
CA GLY C 412 -8.74 -0.37 -10.89
C GLY C 412 -7.66 0.64 -11.20
N ASN C 413 -6.73 0.23 -12.07
CA ASN C 413 -5.62 1.08 -12.42
C ASN C 413 -6.10 2.20 -13.34
N ILE C 414 -7.10 1.92 -14.15
CA ILE C 414 -7.58 2.96 -15.03
C ILE C 414 -8.05 4.16 -14.22
N ILE C 415 -8.71 3.88 -13.10
CA ILE C 415 -9.32 4.92 -12.29
C ILE C 415 -8.25 5.67 -11.51
N GLN C 416 -7.44 4.91 -10.80
CA GLN C 416 -6.40 5.51 -10.02
C GLN C 416 -5.40 6.32 -10.84
N TYR C 417 -5.10 5.86 -12.04
CA TYR C 417 -4.05 6.49 -12.83
C TYR C 417 -4.53 7.01 -14.17
N ALA C 418 -5.80 7.37 -14.23
CA ALA C 418 -6.40 7.91 -15.44
C ALA C 418 -5.63 9.00 -16.18
N PRO C 419 -4.88 9.82 -15.48
CA PRO C 419 -4.22 10.84 -16.29
C PRO C 419 -2.91 10.35 -16.90
N THR C 420 -2.44 9.19 -16.50
CA THR C 420 -1.15 8.74 -16.96
C THR C 420 -1.27 8.36 -18.42
N ILE C 421 -0.17 8.53 -19.14
CA ILE C 421 -0.10 8.15 -20.53
C ILE C 421 -0.30 6.65 -20.73
N TRP C 422 0.26 5.84 -19.85
CA TRP C 422 0.12 4.37 -19.94
C TRP C 422 -1.28 3.84 -19.66
N VAL C 423 -2.06 4.55 -18.86
CA VAL C 423 -3.46 4.18 -18.63
C VAL C 423 -4.31 4.58 -19.82
N ARG C 424 -4.00 5.76 -20.37
CA ARG C 424 -4.86 6.35 -21.37
C ARG C 424 -4.70 5.66 -22.70
N MET C 425 -3.44 5.44 -23.07
CA MET C 425 -3.12 4.81 -24.35
C MET C 425 -3.21 3.28 -24.29
N VAL C 426 -2.64 2.68 -23.23
CA VAL C 426 -2.62 1.24 -23.17
C VAL C 426 -3.82 0.63 -22.44
N LEU C 427 -3.96 0.85 -21.14
CA LEU C 427 -5.00 0.11 -20.43
C LEU C 427 -6.41 0.43 -20.92
N MET C 428 -6.80 1.69 -20.96
CA MET C 428 -8.13 2.06 -21.45
C MET C 428 -8.42 1.35 -22.76
N THR C 429 -7.57 1.59 -23.75
CA THR C 429 -7.75 1.02 -25.08
C THR C 429 -8.07 -0.48 -25.03
N HIS C 430 -7.30 -1.21 -24.25
CA HIS C 430 -7.45 -2.66 -24.12
C HIS C 430 -8.76 -3.01 -23.43
N PHE C 431 -8.95 -2.45 -22.24
CA PHE C 431 -10.17 -2.59 -21.46
C PHE C 431 -11.46 -2.44 -22.25
N PHE C 432 -11.56 -1.39 -23.04
CA PHE C 432 -12.76 -1.17 -23.80
C PHE C 432 -12.78 -2.14 -24.93
N SER C 433 -11.69 -2.18 -25.70
CA SER C 433 -11.64 -3.15 -26.79
C SER C 433 -12.18 -4.51 -26.34
N ILE C 434 -11.81 -4.95 -25.14
CA ILE C 434 -12.21 -6.27 -24.66
C ILE C 434 -13.69 -6.35 -24.42
N LEU C 435 -14.24 -5.34 -23.78
CA LEU C 435 -15.66 -5.38 -23.42
C LEU C 435 -16.59 -5.20 -24.63
N MET C 436 -16.21 -4.35 -25.58
CA MET C 436 -17.04 -4.19 -26.77
C MET C 436 -17.23 -5.55 -27.44
N VAL C 437 -16.13 -6.29 -27.59
CA VAL C 437 -16.15 -7.63 -28.15
C VAL C 437 -16.96 -8.62 -27.28
N GLN C 438 -16.63 -8.73 -26.00
CA GLN C 438 -17.50 -9.44 -25.07
C GLN C 438 -18.95 -8.92 -25.14
N ASP C 439 -19.14 -7.65 -25.49
CA ASP C 439 -20.46 -6.99 -25.47
C ASP C 439 -20.98 -6.94 -24.03
N THR C 440 -20.15 -6.38 -23.14
CA THR C 440 -20.41 -6.41 -21.71
C THR C 440 -20.09 -5.08 -21.05
N LEU C 441 -20.30 -4.02 -21.81
CA LEU C 441 -20.15 -2.65 -21.32
C LEU C 441 -21.10 -2.38 -20.15
N ASP C 442 -22.39 -2.66 -20.34
CA ASP C 442 -23.39 -2.57 -19.29
C ASP C 442 -22.94 -3.13 -17.90
N GLN C 443 -22.18 -4.23 -17.83
CA GLN C 443 -21.98 -4.95 -16.55
C GLN C 443 -21.17 -4.21 -15.48
N ASN C 444 -21.70 -4.13 -14.26
CA ASN C 444 -20.98 -3.47 -13.15
C ASN C 444 -19.91 -4.39 -12.54
N LEU C 445 -18.63 -4.01 -12.68
CA LEU C 445 -17.49 -4.80 -12.19
C LEU C 445 -16.94 -4.19 -10.93
N GLY C 446 -16.86 -4.98 -9.86
CA GLY C 446 -16.47 -4.45 -8.56
C GLY C 446 -17.32 -3.24 -8.18
N GLY C 447 -18.61 -3.34 -8.46
CA GLY C 447 -19.55 -2.25 -8.20
C GLY C 447 -19.13 -0.92 -8.82
N VAL C 448 -18.88 -0.95 -10.12
CA VAL C 448 -18.56 0.24 -10.92
C VAL C 448 -18.98 -0.03 -12.34
N ASN C 449 -19.61 0.92 -13.00
CA ASN C 449 -19.98 0.70 -14.40
C ASN C 449 -19.07 1.40 -15.40
N PRO C 450 -18.45 0.63 -16.29
CA PRO C 450 -17.56 1.17 -17.32
C PRO C 450 -18.04 2.44 -17.98
N LEU C 451 -19.35 2.57 -18.20
CA LEU C 451 -19.88 3.71 -18.94
C LEU C 451 -19.97 5.00 -18.12
N ASP C 452 -19.89 4.86 -16.80
CA ASP C 452 -19.70 5.97 -15.86
C ASP C 452 -18.31 6.63 -15.95
N LEU C 453 -17.34 5.91 -16.51
CA LEU C 453 -15.94 6.28 -16.33
C LEU C 453 -15.64 7.74 -16.56
N PRO C 454 -16.16 8.33 -17.64
CA PRO C 454 -15.83 9.72 -17.82
C PRO C 454 -16.27 10.54 -16.61
N ALA C 455 -17.48 10.30 -16.15
CA ALA C 455 -17.94 10.93 -14.91
C ALA C 455 -16.94 10.71 -13.78
N ILE C 456 -16.60 9.45 -13.53
CA ILE C 456 -15.84 9.07 -12.33
C ILE C 456 -14.45 9.66 -12.32
N ILE C 457 -13.86 9.69 -13.52
CA ILE C 457 -12.57 10.31 -13.71
C ILE C 457 -12.65 11.81 -13.50
N GLU C 458 -13.62 12.48 -14.12
CA GLU C 458 -13.77 13.93 -13.90
C GLU C 458 -13.96 14.25 -12.42
N ARG C 459 -14.87 13.53 -11.78
CA ARG C 459 -15.08 13.66 -10.32
C ARG C 459 -13.74 13.67 -9.59
N LEU C 460 -12.83 12.81 -10.01
CA LEU C 460 -11.64 12.51 -9.24
C LEU C 460 -10.37 13.21 -9.75
N HIS C 461 -10.21 13.30 -11.06
CA HIS C 461 -8.95 13.78 -11.63
C HIS C 461 -9.07 15.09 -12.34
N GLY C 462 -10.27 15.64 -12.40
CA GLY C 462 -10.49 16.85 -13.16
C GLY C 462 -10.55 16.61 -14.66
N LEU C 463 -11.23 17.50 -15.33
CA LEU C 463 -11.46 17.40 -16.75
C LEU C 463 -10.19 17.44 -17.58
N ASP C 464 -9.11 17.98 -17.02
CA ASP C 464 -7.84 18.09 -17.77
C ASP C 464 -7.24 16.70 -18.02
N ALA C 465 -7.67 15.72 -17.23
CA ALA C 465 -7.32 14.33 -17.43
C ALA C 465 -7.69 13.77 -18.82
N PHE C 466 -8.62 14.41 -19.52
CA PHE C 466 -8.96 14.00 -20.87
C PHE C 466 -8.27 14.83 -21.93
N SER C 467 -7.44 15.79 -21.56
CA SER C 467 -6.84 16.67 -22.56
C SER C 467 -5.33 16.82 -22.44
N MET C 468 -4.69 15.93 -21.70
CA MET C 468 -3.32 16.18 -21.31
C MET C 468 -2.35 15.67 -22.34
N HIS C 469 -1.27 16.42 -22.53
CA HIS C 469 -0.32 16.10 -23.59
C HIS C 469 1.09 16.54 -23.19
N THR C 470 2.05 16.17 -24.03
CA THR C 470 3.44 16.60 -23.84
C THR C 470 3.93 16.05 -22.53
N TYR C 471 3.87 14.73 -22.44
CA TYR C 471 4.31 14.03 -21.25
C TYR C 471 5.83 14.12 -21.07
N SER C 472 6.30 13.85 -19.87
CA SER C 472 7.70 14.09 -19.53
C SER C 472 8.61 13.05 -20.16
N HIS C 473 9.88 13.40 -20.32
CA HIS C 473 10.87 12.46 -20.83
C HIS C 473 10.85 11.20 -20.01
N HIS C 474 11.11 11.32 -18.71
CA HIS C 474 11.08 10.18 -17.79
C HIS C 474 9.93 9.21 -18.03
N GLU C 475 8.74 9.79 -18.14
CA GLU C 475 7.54 9.03 -18.23
C GLU C 475 7.44 8.33 -19.57
N LEU C 476 7.78 9.01 -20.65
CA LEU C 476 7.79 8.36 -21.96
C LEU C 476 8.83 7.26 -21.96
N THR C 477 10.00 7.58 -21.46
CA THR C 477 11.08 6.61 -21.45
C THR C 477 10.63 5.35 -20.72
N ARG C 478 10.01 5.53 -19.55
CA ARG C 478 9.66 4.42 -18.67
C ARG C 478 8.49 3.57 -19.21
N VAL C 479 7.52 4.23 -19.83
CA VAL C 479 6.42 3.50 -20.40
C VAL C 479 6.91 2.61 -21.52
N ALA C 480 7.56 3.25 -22.51
CA ALA C 480 8.14 2.55 -23.65
C ALA C 480 8.96 1.37 -23.21
N SER C 481 9.79 1.62 -22.21
CA SER C 481 10.68 0.60 -21.73
C SER C 481 9.89 -0.58 -21.16
N ALA C 482 8.89 -0.30 -20.31
CA ALA C 482 8.05 -1.35 -19.73
C ALA C 482 7.22 -2.16 -20.74
N LEU C 483 6.89 -1.57 -21.87
CA LEU C 483 6.11 -2.28 -22.88
C LEU C 483 6.98 -3.28 -23.62
N ARG C 484 8.16 -2.83 -24.04
CA ARG C 484 9.20 -3.72 -24.54
C ARG C 484 9.44 -4.86 -23.55
N LYS C 485 9.71 -4.51 -22.30
CA LYS C 485 10.00 -5.51 -21.28
C LYS C 485 8.92 -6.61 -21.22
N LEU C 486 7.66 -6.23 -21.36
CA LEU C 486 6.58 -7.19 -21.29
C LEU C 486 6.09 -7.70 -22.65
N GLY C 487 6.67 -7.23 -23.73
CA GLY C 487 6.37 -7.77 -25.05
C GLY C 487 5.06 -7.25 -25.54
N ALA C 488 4.78 -6.00 -25.17
CA ALA C 488 3.55 -5.34 -25.55
C ALA C 488 3.78 -4.53 -26.82
N PRO C 489 2.71 -4.13 -27.50
CA PRO C 489 2.94 -3.28 -28.63
C PRO C 489 3.41 -1.96 -28.12
N PRO C 490 4.15 -1.23 -28.96
CA PRO C 490 4.56 0.11 -28.60
C PRO C 490 3.39 1.10 -28.73
N LEU C 491 3.62 2.32 -28.28
CA LEU C 491 2.55 3.28 -28.20
C LEU C 491 1.94 3.60 -29.56
N ARG C 492 2.77 3.75 -30.59
CA ARG C 492 2.19 4.00 -31.92
C ARG C 492 1.09 3.00 -32.23
N VAL C 493 1.30 1.74 -31.89
CA VAL C 493 0.27 0.74 -32.16
C VAL C 493 -0.97 0.97 -31.33
N TRP C 494 -0.79 1.37 -30.08
CA TRP C 494 -1.96 1.64 -29.26
C TRP C 494 -2.73 2.84 -29.82
N LYS C 495 -2.03 3.88 -30.28
CA LYS C 495 -2.68 4.99 -31.01
C LYS C 495 -3.69 4.41 -32.03
N SER C 496 -3.22 3.56 -32.95
CA SER C 496 -4.11 2.89 -33.92
C SER C 496 -5.27 2.23 -33.26
N ARG C 497 -5.01 1.29 -32.36
CA ARG C 497 -6.10 0.51 -31.74
C ARG C 497 -7.14 1.38 -31.06
N ALA C 498 -6.69 2.50 -30.50
CA ALA C 498 -7.56 3.43 -29.80
C ALA C 498 -8.50 4.13 -30.76
N ARG C 499 -7.92 4.62 -31.84
CA ARG C 499 -8.66 5.26 -32.89
C ARG C 499 -9.81 4.35 -33.30
N ALA C 500 -9.51 3.08 -33.57
CA ALA C 500 -10.55 2.08 -33.88
C ALA C 500 -11.57 1.90 -32.76
N VAL C 501 -11.11 1.61 -31.56
CA VAL C 501 -12.00 1.46 -30.42
C VAL C 501 -12.93 2.65 -30.34
N ARG C 502 -12.36 3.83 -30.58
CA ARG C 502 -13.07 5.09 -30.39
C ARG C 502 -14.24 5.19 -31.34
N ALA C 503 -13.92 5.12 -32.63
CA ALA C 503 -14.88 5.14 -33.73
C ALA C 503 -16.00 4.17 -33.48
N SER C 504 -15.65 2.97 -33.05
CA SER C 504 -16.62 1.97 -32.73
C SER C 504 -17.43 2.37 -31.49
N LEU C 505 -16.77 2.88 -30.47
CA LEU C 505 -17.49 3.36 -29.28
C LEU C 505 -18.49 4.48 -29.62
N ILE C 506 -18.05 5.40 -30.48
CA ILE C 506 -18.84 6.56 -30.89
C ILE C 506 -20.06 6.08 -31.68
N SER C 507 -19.79 5.33 -32.75
CA SER C 507 -20.84 4.79 -33.60
C SER C 507 -21.90 4.04 -32.78
N ARG C 508 -21.53 3.38 -31.69
CA ARG C 508 -22.55 2.71 -30.88
C ARG C 508 -23.51 3.66 -30.18
N GLY C 509 -23.13 4.93 -30.01
CA GLY C 509 -24.01 5.92 -29.38
C GLY C 509 -24.34 5.62 -27.91
N GLY C 510 -24.76 6.65 -27.18
CA GLY C 510 -25.21 6.46 -25.80
C GLY C 510 -24.09 6.89 -24.88
N LYS C 511 -24.11 6.36 -23.65
CA LYS C 511 -23.01 6.63 -22.71
C LYS C 511 -21.67 6.11 -23.27
N ALA C 512 -21.74 5.07 -24.11
CA ALA C 512 -20.63 4.57 -24.89
C ALA C 512 -19.96 5.70 -25.66
N ALA C 513 -20.71 6.31 -26.57
CA ALA C 513 -20.13 7.34 -27.40
C ALA C 513 -19.53 8.49 -26.58
N VAL C 514 -20.03 8.71 -25.37
CA VAL C 514 -19.40 9.69 -24.49
C VAL C 514 -17.99 9.21 -24.16
N CYS C 515 -17.88 8.01 -23.59
CA CYS C 515 -16.59 7.35 -23.35
C CYS C 515 -15.69 7.48 -24.58
N GLY C 516 -16.22 7.13 -25.72
CA GLY C 516 -15.42 7.18 -26.92
C GLY C 516 -14.83 8.56 -27.14
N ARG C 517 -15.60 9.56 -26.79
CA ARG C 517 -15.27 10.93 -27.17
C ARG C 517 -14.36 11.59 -26.15
N TYR C 518 -14.63 11.34 -24.87
CA TYR C 518 -13.83 11.88 -23.75
C TYR C 518 -12.52 11.11 -23.52
N LEU C 519 -12.68 9.82 -23.22
CA LEU C 519 -11.55 8.98 -22.92
C LEU C 519 -10.56 8.89 -24.05
N PHE C 520 -10.99 9.02 -25.30
CA PHE C 520 -10.07 8.76 -26.41
C PHE C 520 -9.76 9.95 -27.31
N ASN C 521 -10.10 11.14 -26.82
CA ASN C 521 -9.89 12.32 -27.64
C ASN C 521 -8.43 12.53 -28.02
N TRP C 522 -7.52 12.06 -27.18
CA TRP C 522 -6.11 12.09 -27.51
C TRP C 522 -5.82 11.35 -28.81
N ALA C 523 -6.69 10.42 -29.18
CA ALA C 523 -6.38 9.52 -30.27
C ALA C 523 -6.63 10.10 -31.65
N VAL C 524 -7.21 11.31 -31.73
CA VAL C 524 -7.68 11.83 -33.03
C VAL C 524 -7.02 13.13 -33.49
N LYS C 525 -6.87 13.26 -34.80
CA LYS C 525 -6.23 14.42 -35.44
C LYS C 525 -7.00 15.70 -35.08
N THR C 526 -8.29 15.77 -35.41
CA THR C 526 -9.13 16.91 -35.06
C THR C 526 -9.75 16.70 -33.66
N LYS C 527 -9.12 17.27 -32.63
CA LYS C 527 -9.56 17.13 -31.23
C LYS C 527 -10.98 17.68 -31.08
N LEU C 528 -11.56 17.63 -29.87
CA LEU C 528 -12.96 18.08 -29.65
C LEU C 528 -13.10 18.99 -28.42
N LYS C 529 -14.14 19.81 -28.42
CA LYS C 529 -14.39 20.74 -27.31
C LYS C 529 -15.06 20.01 -26.13
N LEU C 530 -14.28 19.26 -25.37
CA LEU C 530 -14.81 18.49 -24.23
C LEU C 530 -15.19 19.41 -23.08
N THR C 531 -16.48 19.45 -22.78
CA THR C 531 -17.03 20.33 -21.74
C THR C 531 -17.39 19.51 -20.48
N PRO C 532 -17.54 20.17 -19.32
CA PRO C 532 -17.84 19.38 -18.10
C PRO C 532 -19.04 18.43 -18.20
N LEU C 533 -19.05 17.46 -17.29
CA LEU C 533 -20.06 16.42 -17.29
C LEU C 533 -21.00 16.61 -16.12
N PRO C 534 -22.31 16.88 -16.40
CA PRO C 534 -23.31 17.05 -15.35
C PRO C 534 -23.10 16.23 -14.05
N GLU C 535 -22.57 15.01 -14.18
CA GLU C 535 -22.65 14.01 -13.10
C GLU C 535 -21.83 14.29 -11.83
N ALA C 536 -20.54 14.58 -11.95
CA ALA C 536 -19.75 14.91 -10.75
C ALA C 536 -19.99 16.35 -10.24
#